data_1K6O
#
_entry.id   1K6O
#
_cell.length_a   161.784
_cell.length_b   161.784
_cell.length_c   41.224
_cell.angle_alpha   90.00
_cell.angle_beta   90.00
_cell.angle_gamma   120.00
#
_symmetry.space_group_name_H-M   'P 63'
#
loop_
_entity.id
_entity.type
_entity.pdbx_description
1 polymer "5'-D(*CP*AP*CP*AP*GP*GP*AP*TP*GP*TP*CP*CP*AP*TP*AP*TP*TP*AP*GP*GP*AP*CP*A)-3'"
2 polymer "5'-D(*TP*GP*TP*CP*CP*TP*AP*AP*TP*AP*TP*GP*GP*AP*CP*AP*TP*CP*CP*TP*GP*TP*G)-3'"
3 polymer 'ETS-domain protein ELK-4'
4 polymer 'Serum response factor'
#
loop_
_entity_poly.entity_id
_entity_poly.type
_entity_poly.pdbx_seq_one_letter_code
_entity_poly.pdbx_strand_id
1 'polydeoxyribonucleotide'
;(DC)(DA)(DC)(DA)(DG)(DG)(DA)(DT)(DG)(DT)(DC)(DC)(DA)(DT)(DA)(DT)(DT)(DA)(DG)(DG)
(DA)(DC)(DA)
;
D
2 'polydeoxyribonucleotide'
;(DT)(DG)(DT)(DC)(DC)(DT)(DA)(DA)(DT)(DA)(DT)(DG)(DG)(DA)(DC)(DA)(DT)(DC)(DC)(DT)
(DG)(DT)(DG)
;
E
3 'polypeptide(L)'
;MDSAITLWQFLLQLLQKPQNKHMICWTSNDGQFKLLQAEEVARLWGIRKNKPNMNYDKLSRALRYYYVKNIIKKVNGQKF
VYKFVSYPEILNM
;
A
4 'polypeptide(L)'
;GAKPGKKTRGRVKIKMEFIDNKLRRYTTFSKRKTGIMKKAYELSTLTGTQVLLLVASETGHVYTFATRKLQPMITSETGK
ALIQTCLNSPDSPPRSDPTTDQR
;
B,C
#
loop_
_chem_comp.id
_chem_comp.type
_chem_comp.name
_chem_comp.formula
DA DNA linking 2'-DEOXYADENOSINE-5'-MONOPHOSPHATE 'C10 H14 N5 O6 P'
DC DNA linking 2'-DEOXYCYTIDINE-5'-MONOPHOSPHATE 'C9 H14 N3 O7 P'
DG DNA linking 2'-DEOXYGUANOSINE-5'-MONOPHOSPHATE 'C10 H14 N5 O7 P'
DT DNA linking THYMIDINE-5'-MONOPHOSPHATE 'C10 H15 N2 O8 P'
#
# COMPACT_ATOMS: atom_id res chain seq x y z
N SER C 3 23.55 12.37 -3.69
CA SER C 3 23.73 10.95 -4.09
C SER C 3 22.40 10.37 -4.58
N ALA C 4 21.48 11.24 -4.98
CA ALA C 4 20.16 10.80 -5.45
C ALA C 4 20.23 10.28 -6.88
N ILE C 5 20.25 8.95 -7.02
CA ILE C 5 20.35 8.30 -8.33
C ILE C 5 19.38 7.17 -8.59
N THR C 6 18.95 7.05 -9.83
CA THR C 6 18.05 5.99 -10.21
C THR C 6 18.70 5.06 -11.22
N LEU C 7 18.26 3.81 -11.21
CA LEU C 7 18.75 2.78 -12.09
C LEU C 7 19.02 3.31 -13.49
N TRP C 8 17.95 3.63 -14.21
CA TRP C 8 18.10 4.13 -15.57
C TRP C 8 19.20 5.21 -15.70
N GLN C 9 19.42 6.00 -14.66
CA GLN C 9 20.48 6.99 -14.73
C GLN C 9 21.78 6.19 -14.71
N PHE C 10 21.99 5.48 -13.62
CA PHE C 10 23.16 4.63 -13.40
C PHE C 10 23.50 3.76 -14.60
N LEU C 11 22.50 3.03 -15.12
CA LEU C 11 22.75 2.19 -16.29
C LEU C 11 23.34 3.02 -17.42
N LEU C 12 22.71 4.15 -17.72
CA LEU C 12 23.19 5.01 -18.77
C LEU C 12 24.65 5.44 -18.48
N GLN C 13 24.92 5.81 -17.23
CA GLN C 13 26.25 6.22 -16.81
C GLN C 13 27.29 5.16 -17.14
N LEU C 14 26.84 3.93 -17.27
CA LEU C 14 27.75 2.84 -17.57
C LEU C 14 27.91 2.73 -19.07
N LEU C 15 26.88 3.14 -19.80
CA LEU C 15 26.91 3.07 -21.25
C LEU C 15 27.63 4.25 -21.91
N GLN C 16 28.19 5.13 -21.10
CA GLN C 16 28.91 6.25 -21.64
C GLN C 16 30.39 6.11 -21.33
N LYS C 17 30.73 5.11 -20.54
CA LYS C 17 32.12 4.85 -20.17
C LYS C 17 32.62 3.64 -20.95
N PRO C 18 33.58 3.86 -21.86
CA PRO C 18 34.14 2.78 -22.69
C PRO C 18 34.64 1.61 -21.85
N GLN C 19 35.35 1.91 -20.76
CA GLN C 19 35.90 0.90 -19.85
C GLN C 19 34.88 -0.19 -19.52
N ASN C 20 33.61 0.13 -19.72
CA ASN C 20 32.51 -0.80 -19.47
C ASN C 20 31.85 -1.11 -20.79
N LYS C 21 32.49 -1.97 -21.58
CA LYS C 21 31.96 -2.34 -22.90
C LYS C 21 31.71 -3.84 -22.97
N HIS C 22 32.43 -4.60 -22.15
CA HIS C 22 32.31 -6.05 -22.12
C HIS C 22 31.58 -6.48 -20.87
N MET C 23 30.72 -5.58 -20.39
CA MET C 23 29.91 -5.79 -19.20
C MET C 23 28.53 -5.32 -19.58
N ILE C 24 28.48 -4.17 -20.24
CA ILE C 24 27.25 -3.54 -20.71
C ILE C 24 27.68 -2.67 -21.88
N CYS C 25 26.98 -2.82 -23.01
CA CYS C 25 27.32 -2.11 -24.23
C CYS C 25 26.09 -1.82 -25.07
N TRP C 26 26.17 -0.79 -25.91
CA TRP C 26 25.06 -0.48 -26.79
C TRP C 26 24.96 -1.60 -27.83
N THR C 27 23.75 -2.02 -28.18
CA THR C 27 23.61 -3.06 -29.20
C THR C 27 22.93 -2.45 -30.43
N SER C 28 22.90 -1.12 -30.45
CA SER C 28 22.32 -0.36 -31.54
C SER C 28 22.56 1.09 -31.18
N ASN C 29 22.32 1.98 -32.14
CA ASN C 29 22.54 3.40 -31.92
C ASN C 29 21.26 4.12 -31.49
N ASP C 30 20.12 3.44 -31.59
CA ASP C 30 18.86 4.07 -31.21
C ASP C 30 18.33 3.62 -29.85
N GLY C 31 19.23 3.44 -28.89
CA GLY C 31 18.80 3.08 -27.56
C GLY C 31 18.98 1.67 -27.03
N GLN C 32 18.84 0.66 -27.88
CA GLN C 32 19.00 -0.71 -27.38
C GLN C 32 20.39 -0.96 -26.79
N PHE C 33 20.45 -1.71 -25.69
CA PHE C 33 21.70 -2.02 -25.01
C PHE C 33 21.65 -3.41 -24.39
N LYS C 34 22.79 -4.00 -24.09
CA LYS C 34 22.79 -5.34 -23.54
C LYS C 34 23.59 -5.53 -22.28
N LEU C 35 23.07 -6.32 -21.36
CA LEU C 35 23.78 -6.59 -20.12
C LEU C 35 24.64 -7.82 -20.30
N LEU C 36 25.80 -7.62 -20.91
CA LEU C 36 26.75 -8.69 -21.19
C LEU C 36 27.07 -9.46 -19.93
N GLN C 37 27.53 -8.74 -18.90
CA GLN C 37 27.85 -9.36 -17.60
C GLN C 37 26.81 -8.85 -16.59
N ALA C 38 25.58 -9.26 -16.83
CA ALA C 38 24.44 -8.88 -16.02
C ALA C 38 24.69 -8.89 -14.53
N GLU C 39 25.05 -10.04 -14.00
CA GLU C 39 25.30 -10.17 -12.57
C GLU C 39 26.29 -9.16 -12.00
N GLU C 40 27.24 -8.72 -12.82
CA GLU C 40 28.25 -7.78 -12.37
C GLU C 40 27.63 -6.42 -12.21
N VAL C 41 26.92 -5.98 -13.24
CA VAL C 41 26.26 -4.70 -13.19
C VAL C 41 25.50 -4.68 -11.87
N ALA C 42 24.74 -5.74 -11.65
CA ALA C 42 23.95 -5.87 -10.44
C ALA C 42 24.88 -5.69 -9.25
N ARG C 43 26.01 -6.38 -9.26
CA ARG C 43 26.97 -6.28 -8.17
C ARG C 43 27.29 -4.82 -7.89
N LEU C 44 27.63 -4.08 -8.94
CA LEU C 44 27.96 -2.66 -8.83
C LEU C 44 26.78 -1.79 -8.43
N TRP C 45 25.62 -2.04 -9.02
CA TRP C 45 24.40 -1.27 -8.72
C TRP C 45 23.95 -1.47 -7.28
N GLY C 46 24.34 -2.59 -6.68
CA GLY C 46 23.97 -2.83 -5.30
C GLY C 46 25.01 -2.19 -4.40
N ILE C 47 26.03 -1.63 -5.03
CA ILE C 47 27.10 -0.94 -4.30
C ILE C 47 26.84 0.55 -4.38
N ARG C 48 26.13 0.93 -5.43
CA ARG C 48 25.79 2.32 -5.67
C ARG C 48 24.64 2.73 -4.77
N LYS C 49 23.80 1.76 -4.43
CA LYS C 49 22.64 1.97 -3.58
C LYS C 49 22.89 1.34 -2.22
N ASN C 50 24.08 0.79 -2.05
CA ASN C 50 24.41 0.16 -0.78
C ASN C 50 23.37 -0.90 -0.50
N LYS C 51 23.30 -1.87 -1.40
CA LYS C 51 22.38 -2.98 -1.28
C LYS C 51 23.18 -4.25 -1.56
N PRO C 52 24.00 -4.65 -0.59
CA PRO C 52 24.84 -5.84 -0.70
C PRO C 52 24.22 -7.03 -1.43
N ASN C 53 23.16 -7.61 -0.88
CA ASN C 53 22.59 -8.78 -1.52
C ASN C 53 21.91 -8.56 -2.88
N MET C 54 22.34 -7.55 -3.63
CA MET C 54 21.76 -7.26 -4.96
C MET C 54 22.19 -8.29 -6.01
N ASN C 55 21.34 -8.49 -7.01
CA ASN C 55 21.62 -9.42 -8.11
C ASN C 55 20.68 -9.13 -9.30
N TYR C 56 20.95 -9.75 -10.45
CA TYR C 56 20.14 -9.50 -11.65
C TYR C 56 18.67 -9.85 -11.49
N ASP C 57 18.35 -10.85 -10.68
CA ASP C 57 16.95 -11.23 -10.50
C ASP C 57 16.16 -10.17 -9.74
N LYS C 58 16.87 -9.22 -9.13
CA LYS C 58 16.20 -8.14 -8.42
C LYS C 58 16.26 -6.87 -9.28
N LEU C 59 17.40 -6.68 -9.93
CA LEU C 59 17.62 -5.51 -10.79
C LEU C 59 16.67 -5.53 -11.97
N SER C 60 16.51 -6.70 -12.58
CA SER C 60 15.64 -6.85 -13.72
C SER C 60 14.20 -6.49 -13.33
N ARG C 61 13.83 -6.83 -12.09
CA ARG C 61 12.48 -6.54 -11.62
C ARG C 61 12.23 -5.04 -11.64
N ALA C 62 13.28 -4.26 -11.37
CA ALA C 62 13.16 -2.81 -11.41
C ALA C 62 13.01 -2.46 -12.86
N LEU C 63 13.71 -3.19 -13.72
CA LEU C 63 13.63 -2.94 -15.15
C LEU C 63 12.25 -3.21 -15.64
N ARG C 64 11.65 -4.32 -15.21
CA ARG C 64 10.31 -4.63 -15.64
C ARG C 64 9.33 -3.55 -15.16
N TYR C 65 9.55 -2.98 -13.97
CA TYR C 65 8.65 -1.91 -13.51
C TYR C 65 8.76 -0.72 -14.47
N TYR C 66 9.97 -0.49 -15.00
CA TYR C 66 10.20 0.59 -15.94
C TYR C 66 9.39 0.37 -17.21
N TYR C 67 9.02 -0.88 -17.47
CA TYR C 67 8.25 -1.23 -18.65
C TYR C 67 7.00 -0.37 -18.78
N VAL C 68 6.13 -0.49 -17.79
CA VAL C 68 4.88 0.26 -17.80
C VAL C 68 5.07 1.76 -17.60
N LYS C 69 6.16 2.14 -16.95
CA LYS C 69 6.48 3.56 -16.69
C LYS C 69 7.03 4.21 -17.98
N ASN C 70 7.03 3.43 -19.06
CA ASN C 70 7.47 3.87 -20.38
C ASN C 70 8.86 4.51 -20.38
N ILE C 71 9.85 3.76 -19.91
CA ILE C 71 11.21 4.24 -19.86
C ILE C 71 12.12 3.23 -20.51
N ILE C 72 12.03 1.99 -20.06
CA ILE C 72 12.86 0.92 -20.60
C ILE C 72 12.04 -0.32 -20.93
N LYS C 73 12.08 -0.73 -22.19
CA LYS C 73 11.36 -1.91 -22.57
C LYS C 73 12.33 -3.02 -22.95
N LYS C 74 11.87 -4.25 -22.83
CA LYS C 74 12.66 -5.42 -23.16
C LYS C 74 12.72 -5.46 -24.68
N VAL C 75 13.35 -6.51 -25.19
CA VAL C 75 13.47 -6.72 -26.62
C VAL C 75 13.23 -8.20 -26.69
N ASN C 76 12.03 -8.58 -27.12
CA ASN C 76 11.66 -9.98 -27.20
C ASN C 76 12.72 -10.79 -27.94
N GLY C 77 13.05 -11.96 -27.39
CA GLY C 77 14.03 -12.82 -28.01
C GLY C 77 15.46 -12.63 -27.51
N GLN C 78 16.01 -11.46 -27.76
CA GLN C 78 17.37 -11.13 -27.37
C GLN C 78 17.66 -11.09 -25.86
N LYS C 79 18.38 -12.09 -25.35
CA LYS C 79 18.74 -12.16 -23.93
C LYS C 79 19.50 -10.93 -23.44
N PHE C 80 19.20 -10.51 -22.21
CA PHE C 80 19.83 -9.37 -21.57
C PHE C 80 19.83 -8.09 -22.39
N VAL C 81 18.98 -8.02 -23.40
CA VAL C 81 18.91 -6.82 -24.22
C VAL C 81 17.66 -6.00 -23.90
N TYR C 82 17.87 -4.72 -23.59
CA TYR C 82 16.78 -3.79 -23.27
C TYR C 82 16.95 -2.56 -24.12
N LYS C 83 16.13 -1.55 -23.88
CA LYS C 83 16.23 -0.33 -24.67
C LYS C 83 15.46 0.82 -24.03
N PHE C 84 16.01 2.01 -24.17
CA PHE C 84 15.33 3.18 -23.67
C PHE C 84 14.35 3.53 -24.78
N VAL C 85 13.14 3.96 -24.42
CA VAL C 85 12.13 4.29 -25.42
C VAL C 85 12.14 5.74 -25.86
N SER C 86 12.75 6.59 -25.05
CA SER C 86 12.81 8.00 -25.40
C SER C 86 14.25 8.41 -25.60
N TYR C 87 14.96 7.60 -26.38
CA TYR C 87 16.36 7.85 -26.67
C TYR C 87 16.49 8.41 -28.09
N PRO C 88 17.42 9.37 -28.29
CA PRO C 88 18.33 9.92 -27.30
C PRO C 88 17.73 11.09 -26.53
N GLU C 89 16.40 11.09 -26.38
CA GLU C 89 15.74 12.16 -25.66
C GLU C 89 16.14 12.16 -24.20
N ILE C 90 16.07 10.99 -23.56
CA ILE C 90 16.42 10.87 -22.14
C ILE C 90 17.60 11.71 -21.69
N LEU C 91 18.67 11.73 -22.49
CA LEU C 91 19.88 12.48 -22.16
C LEU C 91 19.61 13.94 -21.75
N GLY D 5 21.20 17.85 -3.29
CA GLY D 5 20.43 18.12 -2.02
C GLY D 5 20.26 16.87 -1.18
N LYS D 6 19.02 16.52 -0.87
CA LYS D 6 18.73 15.32 -0.08
C LYS D 6 18.68 14.11 -1.03
N LYS D 7 18.70 12.91 -0.46
CA LYS D 7 18.67 11.69 -1.27
C LYS D 7 17.34 11.45 -1.98
N THR D 8 16.25 11.78 -1.32
CA THR D 8 14.91 11.59 -1.90
C THR D 8 14.08 12.81 -1.64
N ARG D 9 12.95 12.90 -2.33
CA ARG D 9 12.07 14.03 -2.12
C ARG D 9 11.38 13.90 -0.78
N GLY D 10 11.44 12.71 -0.19
CA GLY D 10 10.77 12.49 1.08
C GLY D 10 9.30 12.26 0.79
N ARG D 11 8.45 12.30 1.82
CA ARG D 11 7.01 12.09 1.60
C ARG D 11 6.37 13.31 0.92
N VAL D 12 5.73 13.12 -0.23
CA VAL D 12 5.13 14.27 -0.92
C VAL D 12 3.61 14.32 -0.92
N LYS D 13 3.08 15.47 -0.52
CA LYS D 13 1.65 15.74 -0.44
C LYS D 13 0.90 15.51 -1.77
N ILE D 14 -0.21 14.79 -1.70
CA ILE D 14 -0.99 14.52 -2.90
C ILE D 14 -2.44 15.03 -2.85
N LYS D 15 -2.98 15.32 -4.03
CA LYS D 15 -4.35 15.77 -4.17
C LYS D 15 -5.18 14.61 -3.61
N MET D 16 -6.30 14.91 -2.95
CA MET D 16 -7.11 13.86 -2.35
C MET D 16 -8.19 13.28 -3.26
N GLU D 17 -7.94 13.30 -4.56
CA GLU D 17 -8.89 12.76 -5.53
C GLU D 17 -8.45 11.37 -5.98
N PHE D 18 -9.14 10.81 -6.99
CA PHE D 18 -8.83 9.48 -7.52
C PHE D 18 -7.51 9.45 -8.27
N ILE D 19 -6.75 8.37 -8.06
CA ILE D 19 -5.46 8.23 -8.71
C ILE D 19 -5.60 7.56 -10.06
N ASP D 20 -5.46 8.35 -11.12
CA ASP D 20 -5.59 7.82 -12.46
C ASP D 20 -4.51 6.81 -12.84
N ASN D 21 -3.31 6.98 -12.27
CA ASN D 21 -2.21 6.04 -12.57
C ASN D 21 -2.38 4.68 -11.89
N LYS D 22 -2.58 3.66 -12.70
CA LYS D 22 -2.78 2.32 -12.20
C LYS D 22 -1.64 1.83 -11.30
N LEU D 23 -0.43 2.37 -11.48
CA LEU D 23 0.67 1.90 -10.63
C LEU D 23 0.85 2.72 -9.37
N ARG D 24 0.77 4.04 -9.49
CA ARG D 24 0.92 4.87 -8.32
C ARG D 24 -0.23 4.51 -7.39
N ARG D 25 -1.40 4.30 -7.99
CA ARG D 25 -2.58 3.93 -7.23
C ARG D 25 -2.33 2.60 -6.52
N TYR D 26 -1.99 1.57 -7.30
CA TYR D 26 -1.75 0.24 -6.74
C TYR D 26 -0.73 0.25 -5.61
N THR D 27 0.35 1.00 -5.80
CA THR D 27 1.37 1.09 -4.78
C THR D 27 0.77 1.73 -3.52
N THR D 28 0.11 2.87 -3.71
CA THR D 28 -0.51 3.59 -2.61
C THR D 28 -1.54 2.77 -1.85
N PHE D 29 -2.26 1.93 -2.58
CA PHE D 29 -3.26 1.09 -1.95
C PHE D 29 -2.61 0.17 -0.93
N SER D 30 -1.46 -0.37 -1.26
CA SER D 30 -0.78 -1.28 -0.35
C SER D 30 -0.31 -0.51 0.87
N LYS D 31 0.49 0.51 0.62
CA LYS D 31 1.06 1.36 1.67
C LYS D 31 0.01 1.74 2.71
N ARG D 32 -1.15 2.20 2.25
CA ARG D 32 -2.21 2.60 3.14
C ARG D 32 -2.84 1.42 3.85
N LYS D 33 -3.47 0.54 3.07
CA LYS D 33 -4.10 -0.65 3.60
C LYS D 33 -3.19 -1.28 4.66
N THR D 34 -1.89 -1.10 4.48
CA THR D 34 -0.93 -1.63 5.43
C THR D 34 -1.04 -0.87 6.74
N GLY D 35 -1.28 0.43 6.66
CA GLY D 35 -1.40 1.26 7.84
C GLY D 35 -2.76 1.32 8.51
N ILE D 36 -3.82 1.38 7.70
CA ILE D 36 -5.19 1.45 8.21
C ILE D 36 -5.44 0.21 9.06
N MET D 37 -5.06 -0.95 8.56
CA MET D 37 -5.26 -2.17 9.33
C MET D 37 -4.56 -2.00 10.67
N LYS D 38 -3.40 -1.36 10.64
CA LYS D 38 -2.66 -1.14 11.87
C LYS D 38 -3.52 -0.34 12.85
N LYS D 39 -4.01 0.82 12.40
CA LYS D 39 -4.85 1.68 13.21
C LYS D 39 -5.99 0.90 13.84
N ALA D 40 -6.68 0.11 13.02
CA ALA D 40 -7.81 -0.69 13.48
C ALA D 40 -7.41 -1.50 14.70
N TYR D 41 -6.29 -2.18 14.59
CA TYR D 41 -5.76 -2.99 15.68
C TYR D 41 -5.54 -2.11 16.89
N GLU D 42 -4.78 -1.05 16.68
CA GLU D 42 -4.45 -0.10 17.73
C GLU D 42 -5.72 0.36 18.44
N LEU D 43 -6.58 1.05 17.72
CA LEU D 43 -7.84 1.50 18.31
C LEU D 43 -8.46 0.33 19.03
N SER D 44 -8.69 -0.74 18.30
CA SER D 44 -9.28 -1.93 18.88
C SER D 44 -8.69 -2.23 20.25
N THR D 45 -7.40 -2.58 20.28
CA THR D 45 -6.73 -2.93 21.53
C THR D 45 -6.44 -1.76 22.48
N LEU D 46 -6.10 -0.61 21.92
CA LEU D 46 -5.79 0.56 22.73
C LEU D 46 -6.98 0.96 23.61
N THR D 47 -8.18 0.89 23.05
CA THR D 47 -9.39 1.24 23.81
C THR D 47 -10.31 0.03 24.00
N GLY D 48 -9.76 -1.17 23.82
CA GLY D 48 -10.53 -2.39 23.98
C GLY D 48 -11.93 -2.33 23.42
N THR D 49 -12.03 -2.14 22.11
CA THR D 49 -13.33 -2.06 21.45
C THR D 49 -13.37 -2.93 20.19
N GLN D 50 -14.58 -3.29 19.77
CA GLN D 50 -14.76 -4.12 18.58
C GLN D 50 -14.60 -3.25 17.35
N VAL D 51 -13.79 -3.72 16.40
CA VAL D 51 -13.58 -2.94 15.19
C VAL D 51 -13.60 -3.85 13.97
N LEU D 52 -14.38 -3.50 12.97
CA LEU D 52 -14.43 -4.29 11.76
C LEU D 52 -13.97 -3.44 10.60
N LEU D 53 -12.86 -3.87 10.01
CA LEU D 53 -12.31 -3.16 8.88
C LEU D 53 -12.44 -4.12 7.72
N LEU D 54 -12.74 -3.61 6.53
CA LEU D 54 -12.91 -4.48 5.38
C LEU D 54 -12.47 -3.78 4.09
N VAL D 55 -11.29 -4.11 3.61
CA VAL D 55 -10.76 -3.49 2.38
C VAL D 55 -10.78 -4.45 1.19
N ALA D 56 -11.39 -4.01 0.10
CA ALA D 56 -11.50 -4.82 -1.12
C ALA D 56 -10.57 -4.36 -2.24
N SER D 57 -9.58 -5.19 -2.56
CA SER D 57 -8.62 -4.86 -3.60
C SER D 57 -9.28 -4.58 -4.96
N GLU D 58 -8.64 -3.70 -5.73
CA GLU D 58 -9.14 -3.33 -7.05
C GLU D 58 -9.21 -4.58 -7.92
N THR D 59 -8.37 -5.56 -7.59
CA THR D 59 -8.35 -6.81 -8.33
C THR D 59 -9.38 -7.78 -7.78
N GLY D 60 -9.24 -8.18 -6.52
CA GLY D 60 -10.20 -9.12 -5.96
C GLY D 60 -9.98 -9.55 -4.51
N HIS D 61 -8.78 -9.34 -3.99
CA HIS D 61 -8.47 -9.71 -2.61
C HIS D 61 -9.20 -8.82 -1.61
N VAL D 62 -9.75 -9.45 -0.57
CA VAL D 62 -10.50 -8.75 0.46
C VAL D 62 -9.76 -8.80 1.79
N TYR D 63 -8.94 -7.79 2.06
CA TYR D 63 -8.19 -7.77 3.31
C TYR D 63 -9.11 -7.37 4.45
N THR D 64 -8.93 -7.99 5.61
CA THR D 64 -9.81 -7.67 6.73
C THR D 64 -9.18 -7.86 8.09
N PHE D 65 -9.60 -6.99 9.02
CA PHE D 65 -9.18 -7.07 10.43
C PHE D 65 -10.48 -7.01 11.20
N ALA D 66 -10.61 -7.87 12.20
CA ALA D 66 -11.82 -7.91 13.02
C ALA D 66 -11.56 -8.53 14.40
N THR D 67 -11.99 -7.82 15.43
CA THR D 67 -11.81 -8.30 16.79
C THR D 67 -12.64 -9.57 17.01
N ARG D 68 -12.27 -10.38 18.00
CA ARG D 68 -12.94 -11.65 18.29
C ARG D 68 -14.44 -11.69 18.03
N LYS D 69 -15.22 -10.91 18.78
CA LYS D 69 -16.67 -10.87 18.62
C LYS D 69 -17.18 -10.54 17.21
N LEU D 70 -16.37 -9.82 16.43
CA LEU D 70 -16.79 -9.46 15.08
C LEU D 70 -16.40 -10.52 14.06
N GLN D 71 -15.36 -11.28 14.38
CA GLN D 71 -14.85 -12.35 13.52
C GLN D 71 -16.00 -13.11 12.85
N PRO D 72 -17.02 -13.49 13.63
CA PRO D 72 -18.17 -14.21 13.08
C PRO D 72 -18.88 -13.47 11.95
N MET D 73 -18.26 -12.42 11.42
CA MET D 73 -18.89 -11.65 10.36
C MET D 73 -18.11 -11.75 9.04
N ILE D 74 -16.96 -12.40 9.09
CA ILE D 74 -16.10 -12.59 7.93
C ILE D 74 -15.64 -14.05 7.97
N THR D 75 -16.19 -14.78 8.92
CA THR D 75 -15.86 -16.17 9.12
C THR D 75 -17.10 -17.05 9.06
N SER D 76 -18.26 -16.42 9.25
CA SER D 76 -19.53 -17.13 9.21
C SER D 76 -20.05 -17.26 7.78
N GLU D 77 -20.90 -18.27 7.55
CA GLU D 77 -21.48 -18.53 6.25
C GLU D 77 -22.26 -17.31 5.75
N THR D 78 -23.13 -16.78 6.60
CA THR D 78 -23.95 -15.61 6.26
C THR D 78 -23.10 -14.40 5.91
N GLY D 79 -22.09 -14.15 6.72
CA GLY D 79 -21.23 -13.03 6.48
C GLY D 79 -20.61 -13.17 5.10
N LYS D 80 -19.93 -14.29 4.88
CA LYS D 80 -19.28 -14.58 3.61
C LYS D 80 -20.20 -14.38 2.40
N ALA D 81 -21.42 -14.90 2.48
CA ALA D 81 -22.36 -14.73 1.37
C ALA D 81 -22.70 -13.25 1.29
N LEU D 82 -23.04 -12.65 2.43
CA LEU D 82 -23.38 -11.24 2.48
C LEU D 82 -22.26 -10.33 1.94
N ILE D 83 -21.04 -10.58 2.39
CA ILE D 83 -19.90 -9.82 1.91
C ILE D 83 -19.86 -10.08 0.42
N GLN D 84 -19.85 -11.37 0.05
CA GLN D 84 -19.82 -11.77 -1.35
C GLN D 84 -20.96 -11.17 -2.16
N THR D 85 -22.18 -11.18 -1.63
CA THR D 85 -23.33 -10.61 -2.34
C THR D 85 -23.09 -9.12 -2.61
N CYS D 86 -22.45 -8.46 -1.64
CA CYS D 86 -22.16 -7.04 -1.74
C CYS D 86 -21.09 -6.67 -2.74
N LEU D 87 -20.68 -7.60 -3.60
CA LEU D 87 -19.62 -7.28 -4.54
C LEU D 87 -19.77 -7.74 -6.01
N ASN D 88 -21.00 -7.78 -6.52
CA ASN D 88 -21.20 -8.21 -7.90
C ASN D 88 -22.38 -7.55 -8.62
N SER D 89 -23.16 -6.75 -7.90
CA SER D 89 -24.33 -6.06 -8.46
C SER D 89 -23.97 -4.79 -9.26
N LYS E 6 10.27 21.61 25.18
CA LYS E 6 10.40 22.61 26.29
C LYS E 6 9.04 22.91 26.92
N LYS E 7 8.13 23.48 26.11
CA LYS E 7 6.79 23.85 26.56
C LYS E 7 5.93 22.63 26.92
N THR E 8 5.49 21.89 25.90
CA THR E 8 4.69 20.68 26.13
C THR E 8 5.61 19.47 25.92
N ARG E 9 5.27 18.36 26.56
CA ARG E 9 6.08 17.16 26.46
C ARG E 9 6.05 16.55 25.06
N GLY E 10 5.01 16.88 24.29
CA GLY E 10 4.89 16.34 22.94
C GLY E 10 4.10 15.03 22.95
N ARG E 11 3.92 14.43 21.78
CA ARG E 11 3.17 13.19 21.71
C ARG E 11 3.90 12.02 22.38
N VAL E 12 3.42 11.61 23.55
CA VAL E 12 4.05 10.49 24.26
C VAL E 12 3.89 9.12 23.58
N LYS E 13 4.97 8.38 23.50
CA LYS E 13 4.96 7.05 22.89
C LYS E 13 4.32 6.11 23.92
N ILE E 14 3.01 5.95 23.83
CA ILE E 14 2.28 5.08 24.76
C ILE E 14 2.33 3.62 24.35
N LYS E 15 2.28 2.72 25.34
CA LYS E 15 2.32 1.28 25.08
C LYS E 15 1.04 0.74 24.46
N MET E 16 1.17 -0.09 23.42
CA MET E 16 0.01 -0.67 22.78
C MET E 16 -0.67 -1.72 23.63
N GLU E 17 -1.25 -1.25 24.72
CA GLU E 17 -1.98 -2.08 25.65
C GLU E 17 -3.17 -1.25 26.11
N PHE E 18 -4.28 -1.94 26.44
CA PHE E 18 -5.49 -1.26 26.90
C PHE E 18 -5.24 -0.21 27.95
N ILE E 19 -5.61 1.03 27.64
CA ILE E 19 -5.45 2.13 28.57
C ILE E 19 -6.32 1.85 29.79
N ASP E 20 -5.84 2.19 30.98
CA ASP E 20 -6.64 1.92 32.16
C ASP E 20 -7.35 3.12 32.75
N ASN E 21 -6.88 4.31 32.41
CA ASN E 21 -7.49 5.53 32.92
C ASN E 21 -8.79 5.92 32.19
N LYS E 22 -9.92 5.42 32.68
CA LYS E 22 -11.23 5.69 32.07
C LYS E 22 -11.28 6.95 31.20
N LEU E 23 -10.71 8.05 31.69
CA LEU E 23 -10.70 9.31 30.95
C LEU E 23 -9.85 9.27 29.68
N ARG E 24 -8.52 9.18 29.85
CA ARG E 24 -7.60 9.14 28.70
C ARG E 24 -8.18 8.29 27.60
N ARG E 25 -8.28 6.99 27.87
CA ARG E 25 -8.87 6.04 26.93
C ARG E 25 -9.87 6.75 26.03
N TYR E 26 -10.95 7.21 26.64
CA TYR E 26 -12.01 7.90 25.92
C TYR E 26 -11.45 8.98 24.99
N THR E 27 -10.58 9.81 25.55
CA THR E 27 -9.97 10.90 24.78
C THR E 27 -9.27 10.34 23.55
N THR E 28 -8.55 9.23 23.72
CA THR E 28 -7.86 8.55 22.63
C THR E 28 -8.91 8.01 21.67
N PHE E 29 -9.84 7.23 22.21
CA PHE E 29 -10.88 6.64 21.40
C PHE E 29 -11.52 7.62 20.42
N SER E 30 -11.88 8.79 20.90
CA SER E 30 -12.54 9.77 20.04
C SER E 30 -11.62 10.34 18.97
N LYS E 31 -10.34 10.47 19.30
CA LYS E 31 -9.40 11.02 18.34
C LYS E 31 -9.02 10.04 17.26
N ARG E 32 -8.57 8.86 17.67
CA ARG E 32 -8.19 7.83 16.71
C ARG E 32 -9.38 7.54 15.82
N LYS E 33 -10.59 7.55 16.39
CA LYS E 33 -11.79 7.29 15.63
C LYS E 33 -11.92 8.29 14.49
N THR E 34 -11.91 9.58 14.80
CA THR E 34 -12.02 10.55 13.73
C THR E 34 -10.89 10.30 12.75
N GLY E 35 -9.71 10.00 13.26
CA GLY E 35 -8.58 9.74 12.40
C GLY E 35 -8.73 8.55 11.47
N ILE E 36 -9.04 7.38 12.03
CA ILE E 36 -9.18 6.19 11.22
C ILE E 36 -10.30 6.32 10.18
N MET E 37 -11.39 6.95 10.57
CA MET E 37 -12.50 7.17 9.65
C MET E 37 -11.96 8.07 8.55
N LYS E 38 -11.10 9.01 8.92
CA LYS E 38 -10.53 9.90 7.92
C LYS E 38 -9.83 9.01 6.92
N LYS E 39 -9.08 8.05 7.44
CA LYS E 39 -8.34 7.10 6.60
C LYS E 39 -9.24 6.29 5.68
N ALA E 40 -10.21 5.60 6.26
CA ALA E 40 -11.11 4.79 5.45
C ALA E 40 -11.65 5.63 4.28
N TYR E 41 -11.72 6.93 4.47
CA TYR E 41 -12.22 7.81 3.42
C TYR E 41 -11.11 8.07 2.42
N GLU E 42 -9.91 8.31 2.92
CA GLU E 42 -8.78 8.57 2.06
C GLU E 42 -8.48 7.31 1.24
N LEU E 43 -8.42 6.16 1.92
CA LEU E 43 -8.16 4.89 1.25
C LEU E 43 -9.25 4.61 0.23
N SER E 44 -10.49 4.75 0.67
CA SER E 44 -11.64 4.55 -0.20
C SER E 44 -11.49 5.42 -1.44
N THR E 45 -11.53 6.72 -1.21
CA THR E 45 -11.41 7.73 -2.27
C THR E 45 -10.21 7.58 -3.20
N LEU E 46 -9.00 7.79 -2.67
CA LEU E 46 -7.76 7.71 -3.44
C LEU E 46 -7.70 6.55 -4.39
N THR E 47 -7.84 5.33 -3.85
CA THR E 47 -7.77 4.12 -4.66
C THR E 47 -9.12 3.65 -5.19
N GLY E 48 -10.21 4.31 -4.78
CA GLY E 48 -11.54 3.93 -5.24
C GLY E 48 -11.85 2.47 -5.02
N THR E 49 -11.60 1.99 -3.81
CA THR E 49 -11.86 0.60 -3.50
C THR E 49 -12.92 0.50 -2.38
N GLN E 50 -13.72 -0.56 -2.42
CA GLN E 50 -14.74 -0.73 -1.39
C GLN E 50 -14.04 -0.85 -0.04
N VAL E 51 -14.62 -0.24 0.97
CA VAL E 51 -14.06 -0.28 2.32
C VAL E 51 -15.20 -0.19 3.32
N LEU E 52 -15.10 -0.99 4.37
CA LEU E 52 -16.12 -0.95 5.41
C LEU E 52 -15.42 -0.79 6.75
N LEU E 53 -15.90 0.13 7.56
CA LEU E 53 -15.32 0.33 8.86
C LEU E 53 -16.44 0.43 9.88
N LEU E 54 -16.29 -0.33 10.97
CA LEU E 54 -17.29 -0.35 12.01
C LEU E 54 -16.60 -0.33 13.36
N VAL E 55 -16.95 0.66 14.17
CA VAL E 55 -16.37 0.82 15.50
C VAL E 55 -17.51 0.96 16.49
N ALA E 56 -17.40 0.30 17.64
CA ALA E 56 -18.44 0.35 18.67
C ALA E 56 -17.85 0.66 20.05
N SER E 57 -18.26 1.80 20.62
CA SER E 57 -17.79 2.26 21.92
C SER E 57 -18.36 1.44 23.07
N GLU E 58 -17.72 1.55 24.24
CA GLU E 58 -18.16 0.84 25.43
C GLU E 58 -19.64 1.07 25.72
N THR E 59 -20.14 2.23 25.33
CA THR E 59 -21.55 2.54 25.55
C THR E 59 -22.37 1.62 24.65
N GLY E 60 -21.79 1.26 23.53
CA GLY E 60 -22.47 0.40 22.59
C GLY E 60 -22.80 1.19 21.34
N HIS E 61 -22.49 2.48 21.34
CA HIS E 61 -22.78 3.31 20.19
C HIS E 61 -21.90 2.81 19.06
N VAL E 62 -22.53 2.47 17.94
CA VAL E 62 -21.79 1.95 16.81
C VAL E 62 -21.60 2.98 15.71
N TYR E 63 -20.34 3.16 15.32
CA TYR E 63 -19.95 4.10 14.27
C TYR E 63 -19.49 3.33 13.05
N THR E 64 -19.85 3.82 11.86
CA THR E 64 -19.46 3.13 10.64
C THR E 64 -19.18 3.97 9.43
N PHE E 65 -18.34 3.41 8.57
CA PHE E 65 -18.00 4.00 7.30
C PHE E 65 -18.14 2.84 6.34
N ALA E 66 -18.81 3.07 5.22
CA ALA E 66 -19.00 2.01 4.24
C ALA E 66 -19.12 2.59 2.84
N THR E 67 -18.24 2.17 1.94
CA THR E 67 -18.30 2.67 0.58
C THR E 67 -19.57 2.20 -0.10
N ARG E 68 -20.04 3.00 -1.05
CA ARG E 68 -21.26 2.73 -1.80
C ARG E 68 -21.74 1.28 -1.78
N LYS E 69 -20.95 0.41 -2.39
CA LYS E 69 -21.29 -1.00 -2.49
C LYS E 69 -21.46 -1.77 -1.18
N LEU E 70 -20.53 -1.61 -0.24
CA LEU E 70 -20.63 -2.32 1.03
C LEU E 70 -21.73 -1.83 1.96
N GLN E 71 -22.36 -0.71 1.62
CA GLN E 71 -23.41 -0.15 2.47
C GLN E 71 -24.35 -1.23 3.01
N PRO E 72 -24.90 -2.08 2.13
CA PRO E 72 -25.82 -3.15 2.53
C PRO E 72 -25.37 -3.89 3.78
N MET E 73 -24.06 -4.07 3.91
CA MET E 73 -23.46 -4.73 5.06
C MET E 73 -23.95 -4.17 6.38
N ILE E 74 -24.44 -2.93 6.39
CA ILE E 74 -24.90 -2.29 7.62
C ILE E 74 -26.24 -1.58 7.51
N THR E 75 -26.91 -1.71 6.36
CA THR E 75 -28.21 -1.07 6.18
C THR E 75 -29.30 -2.12 6.20
N SER E 76 -29.10 -3.20 5.45
CA SER E 76 -30.07 -4.28 5.38
C SER E 76 -30.35 -4.86 6.75
N GLU E 77 -31.49 -5.54 6.87
CA GLU E 77 -31.89 -6.16 8.12
C GLU E 77 -31.08 -7.44 8.35
N THR E 78 -30.68 -8.09 7.25
CA THR E 78 -29.90 -9.32 7.34
C THR E 78 -28.53 -9.00 7.94
N GLY E 79 -28.03 -7.80 7.65
CA GLY E 79 -26.76 -7.38 8.18
C GLY E 79 -26.91 -6.74 9.55
N LYS E 80 -27.71 -5.67 9.63
CA LYS E 80 -27.95 -4.98 10.88
C LYS E 80 -28.22 -5.99 11.99
N ALA E 81 -28.66 -7.18 11.57
CA ALA E 81 -28.96 -8.27 12.49
C ALA E 81 -27.66 -8.94 12.92
N LEU E 82 -26.97 -9.55 11.96
CA LEU E 82 -25.72 -10.24 12.23
C LEU E 82 -24.79 -9.43 13.13
N ILE E 83 -24.89 -8.11 13.05
CA ILE E 83 -24.06 -7.24 13.87
C ILE E 83 -24.46 -7.24 15.35
N GLN E 84 -25.66 -6.73 15.65
CA GLN E 84 -26.15 -6.71 17.02
C GLN E 84 -25.80 -8.07 17.64
N THR E 85 -25.93 -9.10 16.81
CA THR E 85 -25.65 -10.46 17.21
C THR E 85 -24.22 -10.73 17.68
N CYS E 86 -23.25 -10.11 17.03
CA CYS E 86 -21.84 -10.30 17.38
C CYS E 86 -21.41 -9.64 18.67
N LEU E 87 -21.93 -8.45 18.94
CA LEU E 87 -21.56 -7.73 20.14
C LEU E 87 -22.37 -8.26 21.30
N ASN E 88 -22.04 -9.47 21.75
CA ASN E 88 -22.77 -10.11 22.84
C ASN E 88 -21.96 -10.68 24.01
N SER E 89 -21.52 -11.94 23.92
CA SER E 89 -20.78 -12.59 25.01
C SER E 89 -19.26 -12.65 24.86
#